data_7HG0
#
_entry.id   7HG0
#
_cell.length_a   41.180
_cell.length_b   41.980
_cell.length_c   157.850
_cell.angle_alpha   90.00
_cell.angle_beta   90.00
_cell.angle_gamma   90.00
#
_symmetry.space_group_name_H-M   'P 21 21 21'
#
loop_
_entity.id
_entity.type
_entity.pdbx_description
1 polymer 'Hepatoma-derived growth factor-related protein 2'
2 non-polymer 'SULFATE ION'
3 non-polymer 1,2-ETHANEDIOL
4 non-polymer N-(4-acetylphenyl)-2-(pyrrolidin-1-yl)acetamide
5 water water
#
_entity_poly.entity_id   1
_entity_poly.type   'polypeptide(L)'
_entity_poly.pdbx_seq_one_letter_code
;GMPHAFKPGDLVFAKMKGYPHWPARIDDIADGAVKPPPNKYPIFFFGTHETAFLGPKDLFPYDKSKDKYGKPNKRKGFNE
GLWEIQNNPHASYS
;
_entity_poly.pdbx_strand_id   A,B,C
#
loop_
_chem_comp.id
_chem_comp.type
_chem_comp.name
_chem_comp.formula
A1A3P non-polymer N-(4-acetylphenyl)-2-(pyrrolidin-1-yl)acetamide 'C14 H18 N2 O2'
EDO non-polymer 1,2-ETHANEDIOL 'C2 H6 O2'
SO4 non-polymer 'SULFATE ION' 'O4 S -2'
#
# COMPACT_ATOMS: atom_id res chain seq x y z
N MET A 2 17.68 -20.43 8.39
CA MET A 2 18.19 -19.28 9.17
C MET A 2 17.77 -17.96 8.52
N PRO A 3 17.59 -16.88 9.30
CA PRO A 3 17.10 -15.59 8.79
C PRO A 3 18.01 -14.91 7.77
N HIS A 4 17.40 -14.22 6.80
CA HIS A 4 18.15 -13.35 5.93
C HIS A 4 18.03 -11.94 6.50
N ALA A 5 18.72 -11.00 5.86
CA ALA A 5 18.45 -9.59 6.11
C ALA A 5 17.03 -9.27 5.65
N PHE A 6 16.49 -8.17 6.18
CA PHE A 6 15.18 -7.73 5.73
C PHE A 6 15.24 -7.30 4.24
N LYS A 7 14.14 -7.56 3.51
CA LYS A 7 14.07 -7.11 2.14
C LYS A 7 12.66 -6.56 1.87
N PRO A 8 12.46 -5.77 0.80
CA PRO A 8 11.14 -5.23 0.51
C PRO A 8 10.14 -6.39 0.40
N GLY A 9 8.92 -6.17 0.92
CA GLY A 9 7.86 -7.17 0.92
C GLY A 9 7.79 -7.93 2.24
N ASP A 10 8.86 -7.93 3.06
CA ASP A 10 8.74 -8.61 4.33
C ASP A 10 7.69 -7.96 5.24
N LEU A 11 6.95 -8.81 5.99
CA LEU A 11 5.87 -8.30 6.84
C LEU A 11 6.37 -8.31 8.28
N VAL A 12 5.97 -7.27 9.03
CA VAL A 12 6.49 -7.05 10.37
C VAL A 12 5.42 -6.45 11.27
N PHE A 13 5.70 -6.50 12.58
CA PHE A 13 5.17 -5.45 13.43
C PHE A 13 6.31 -4.49 13.73
N ALA A 14 6.06 -3.19 13.53
CA ALA A 14 7.09 -2.17 13.66
C ALA A 14 6.78 -1.36 14.92
N LYS A 15 7.85 -1.10 15.69
CA LYS A 15 7.67 -0.37 16.95
C LYS A 15 8.21 1.05 16.80
N MET A 16 7.32 2.00 17.15
CA MET A 16 7.75 3.37 17.40
C MET A 16 7.36 3.78 18.81
N LYS A 17 8.26 4.58 19.40
CA LYS A 17 8.10 5.07 20.76
C LYS A 17 6.69 5.64 20.87
N GLY A 18 5.97 5.19 21.90
CA GLY A 18 4.68 5.79 22.17
C GLY A 18 3.54 5.16 21.38
N TYR A 19 3.85 4.17 20.51
CA TYR A 19 2.79 3.48 19.79
C TYR A 19 2.91 1.97 20.05
N PRO A 20 1.80 1.21 19.97
CA PRO A 20 1.84 -0.25 20.07
C PRO A 20 2.59 -0.78 18.84
N HIS A 21 3.19 -1.96 18.97
CA HIS A 21 3.78 -2.68 17.85
C HIS A 21 2.74 -2.75 16.73
N TRP A 22 3.10 -2.29 15.51
CA TRP A 22 2.09 -1.90 14.53
C TRP A 22 2.27 -2.77 13.29
N PRO A 23 1.20 -3.35 12.70
CA PRO A 23 1.34 -4.13 11.45
C PRO A 23 1.92 -3.25 10.35
N ALA A 24 2.92 -3.79 9.64
CA ALA A 24 3.63 -2.98 8.66
C ALA A 24 4.37 -3.88 7.67
N ARG A 25 4.89 -3.25 6.60
CA ARG A 25 5.75 -3.96 5.67
C ARG A 25 6.99 -3.16 5.33
N ILE A 26 8.05 -3.87 4.93
CA ILE A 26 9.19 -3.17 4.34
C ILE A 26 8.80 -2.78 2.92
N ASP A 27 8.83 -1.48 2.63
CA ASP A 27 8.44 -1.01 1.30
C ASP A 27 9.61 -1.07 0.35
N ASP A 28 9.25 -1.13 -0.95
CA ASP A 28 10.18 -0.75 -2.00
C ASP A 28 10.34 0.78 -2.02
N ILE A 29 11.40 1.25 -2.67
CA ILE A 29 11.58 2.67 -2.92
C ILE A 29 11.33 2.82 -4.42
N ALA A 30 10.32 3.61 -4.80
CA ALA A 30 9.97 3.79 -6.21
C ALA A 30 11.14 4.50 -6.91
N ASP A 31 11.27 4.24 -8.22
CA ASP A 31 12.23 5.04 -8.96
C ASP A 31 11.91 6.51 -8.79
N GLY A 32 12.93 7.32 -8.46
CA GLY A 32 12.76 8.76 -8.35
C GLY A 32 12.33 9.20 -6.96
N ALA A 33 12.01 8.24 -6.07
CA ALA A 33 11.54 8.57 -4.73
C ALA A 33 12.69 8.78 -3.74
N VAL A 34 12.37 9.48 -2.64
CA VAL A 34 13.32 9.74 -1.56
C VAL A 34 13.71 8.43 -0.90
N LYS A 35 15.02 8.21 -0.81
CA LYS A 35 15.63 7.05 -0.16
C LYS A 35 15.70 7.27 1.35
N PRO A 36 15.73 6.17 2.13
CA PRO A 36 15.89 6.27 3.59
C PRO A 36 17.34 6.60 3.91
N PRO A 37 17.62 7.06 5.16
CA PRO A 37 19.01 7.16 5.63
C PRO A 37 19.68 5.80 5.63
N PRO A 38 21.03 5.76 5.67
CA PRO A 38 21.78 4.51 5.81
C PRO A 38 21.32 3.72 7.04
N ASN A 39 21.34 2.40 6.88
CA ASN A 39 20.93 1.42 7.87
C ASN A 39 19.46 1.55 8.27
N LYS A 40 18.66 2.33 7.53
CA LYS A 40 17.22 2.38 7.80
C LYS A 40 16.43 1.81 6.61
N TYR A 41 15.24 1.30 6.91
CA TYR A 41 14.35 0.73 5.91
C TYR A 41 13.10 1.60 5.81
N PRO A 42 12.46 1.70 4.61
CA PRO A 42 11.18 2.41 4.54
C PRO A 42 10.07 1.51 5.05
N ILE A 43 9.40 1.91 6.14
CA ILE A 43 8.37 1.05 6.72
C ILE A 43 7.02 1.65 6.36
N PHE A 44 6.16 0.83 5.71
CA PHE A 44 4.80 1.22 5.41
C PHE A 44 3.88 0.65 6.48
N PHE A 45 3.21 1.53 7.22
CA PHE A 45 2.35 1.06 8.30
C PHE A 45 0.98 0.81 7.70
N PHE A 46 0.46 -0.40 7.92
CA PHE A 46 -0.90 -0.72 7.48
C PHE A 46 -1.90 0.11 8.28
N GLY A 47 -3.06 0.35 7.67
CA GLY A 47 -4.12 1.06 8.36
C GLY A 47 -3.93 2.58 8.26
N THR A 48 -2.87 3.13 8.86
CA THR A 48 -2.61 4.55 8.72
C THR A 48 -2.06 4.90 7.34
N HIS A 49 -1.33 3.95 6.72
CA HIS A 49 -0.72 4.13 5.42
C HIS A 49 0.40 5.18 5.45
N GLU A 50 1.00 5.39 6.63
CA GLU A 50 2.11 6.32 6.81
C GLU A 50 3.41 5.55 6.59
N THR A 51 4.48 6.26 6.25
CA THR A 51 5.82 5.68 6.10
C THR A 51 6.71 6.32 7.16
N ALA A 52 7.50 5.50 7.84
CA ALA A 52 8.62 6.02 8.63
C ALA A 52 9.89 5.21 8.32
N PHE A 53 11.05 5.73 8.75
CA PHE A 53 12.28 5.03 8.49
C PHE A 53 12.72 4.40 9.79
N LEU A 54 12.91 3.06 9.76
CA LEU A 54 13.26 2.37 10.98
C LEU A 54 14.41 1.41 10.74
N GLY A 55 15.16 1.12 11.81
CA GLY A 55 16.14 0.04 11.74
C GLY A 55 15.61 -1.29 12.32
N PRO A 56 16.36 -2.38 12.11
CA PRO A 56 15.97 -3.73 12.50
C PRO A 56 15.59 -3.88 13.97
N LYS A 57 16.18 -3.03 14.83
CA LYS A 57 15.84 -3.20 16.24
C LYS A 57 14.35 -2.95 16.53
N ASP A 58 13.65 -2.21 15.65
CA ASP A 58 12.25 -1.96 15.85
C ASP A 58 11.38 -2.82 14.92
N LEU A 59 11.94 -3.83 14.24
CA LEU A 59 11.12 -4.61 13.29
C LEU A 59 11.01 -6.07 13.75
N PHE A 60 9.77 -6.53 13.96
CA PHE A 60 9.51 -7.88 14.48
C PHE A 60 8.83 -8.74 13.42
N PRO A 61 9.47 -9.77 12.86
CA PRO A 61 8.88 -10.53 11.75
C PRO A 61 7.48 -11.00 12.13
N TYR A 62 6.55 -10.84 11.15
CA TYR A 62 5.13 -11.01 11.40
C TYR A 62 4.76 -12.43 11.84
N ASP A 63 5.32 -13.46 11.18
CA ASP A 63 4.91 -14.85 11.46
C ASP A 63 5.19 -15.16 12.94
N LYS A 64 6.41 -14.82 13.40
CA LYS A 64 6.83 -15.08 14.77
C LYS A 64 6.04 -14.28 15.80
N SER A 65 5.57 -13.07 15.45
CA SER A 65 5.09 -12.08 16.41
C SER A 65 3.58 -11.92 16.46
N LYS A 66 2.85 -12.55 15.54
CA LYS A 66 1.44 -12.19 15.41
C LYS A 66 0.58 -12.64 16.59
N ASP A 67 0.97 -13.73 17.26
N ASP A 67 0.95 -13.76 17.24
CA ASP A 67 0.23 -14.23 18.41
CA ASP A 67 0.20 -14.20 18.43
C ASP A 67 0.34 -13.26 19.59
C ASP A 67 0.23 -13.08 19.47
N LYS A 68 1.40 -12.44 19.62
CA LYS A 68 1.57 -11.48 20.68
C LYS A 68 0.93 -10.13 20.34
N TYR A 69 1.13 -9.69 19.09
CA TYR A 69 0.88 -8.30 18.77
C TYR A 69 -0.35 -8.13 17.85
N GLY A 70 -0.88 -9.21 17.30
CA GLY A 70 -1.95 -9.12 16.31
C GLY A 70 -3.32 -9.19 16.99
N LYS A 71 -3.60 -8.21 17.84
CA LYS A 71 -4.84 -8.17 18.60
C LYS A 71 -5.41 -6.78 18.43
N PRO A 72 -6.75 -6.62 18.40
CA PRO A 72 -7.34 -5.28 18.27
C PRO A 72 -6.80 -4.24 19.24
N ASN A 73 -6.75 -3.00 18.77
CA ASN A 73 -6.22 -1.89 19.53
C ASN A 73 -7.10 -0.67 19.21
N LYS A 74 -7.26 0.21 20.19
CA LYS A 74 -8.16 1.34 20.03
C LYS A 74 -7.60 2.37 19.06
N ARG A 75 -6.29 2.34 18.79
CA ARG A 75 -5.62 3.44 18.10
C ARG A 75 -6.11 3.56 16.67
N LYS A 76 -6.18 4.81 16.16
CA LYS A 76 -6.69 5.08 14.84
C LYS A 76 -5.94 4.24 13.81
N GLY A 77 -6.68 3.46 13.01
CA GLY A 77 -6.04 2.83 11.87
C GLY A 77 -5.53 1.44 12.20
N PHE A 78 -5.44 1.11 13.49
CA PHE A 78 -4.82 -0.15 13.86
C PHE A 78 -5.57 -1.37 13.33
N ASN A 79 -6.89 -1.43 13.55
CA ASN A 79 -7.66 -2.64 13.23
C ASN A 79 -7.79 -2.80 11.71
N GLU A 80 -7.85 -1.67 11.01
CA GLU A 80 -7.77 -1.70 9.55
C GLU A 80 -6.43 -2.32 9.15
N GLY A 81 -5.39 -1.92 9.90
CA GLY A 81 -4.05 -2.42 9.59
C GLY A 81 -3.95 -3.93 9.80
N LEU A 82 -4.62 -4.46 10.85
CA LEU A 82 -4.63 -5.90 11.06
C LEU A 82 -5.28 -6.61 9.86
N TRP A 83 -6.37 -6.03 9.31
CA TRP A 83 -7.02 -6.67 8.18
C TRP A 83 -6.08 -6.68 6.98
N GLU A 84 -5.37 -5.57 6.76
CA GLU A 84 -4.57 -5.42 5.54
C GLU A 84 -3.40 -6.41 5.58
N ILE A 85 -2.77 -6.52 6.77
CA ILE A 85 -1.58 -7.37 6.82
C ILE A 85 -1.94 -8.84 6.66
N GLN A 86 -3.14 -9.24 7.13
CA GLN A 86 -3.59 -10.63 7.04
C GLN A 86 -4.16 -10.95 5.66
N ASN A 87 -4.82 -9.96 5.04
CA ASN A 87 -5.69 -10.26 3.90
C ASN A 87 -5.14 -9.74 2.57
N ASN A 88 -4.38 -8.64 2.56
CA ASN A 88 -3.79 -8.22 1.28
C ASN A 88 -2.55 -7.37 1.54
N PRO A 89 -1.50 -7.98 2.14
CA PRO A 89 -0.38 -7.19 2.64
C PRO A 89 0.50 -6.61 1.55
N HIS A 90 0.32 -7.06 0.27
CA HIS A 90 1.23 -6.65 -0.81
C HIS A 90 0.53 -5.77 -1.85
N ALA A 91 -0.68 -5.33 -1.49
CA ALA A 91 -1.45 -4.49 -2.40
C ALA A 91 -0.93 -3.07 -2.45
N SER A 92 -1.42 -2.32 -3.45
CA SER A 92 -1.21 -0.88 -3.51
C SER A 92 -2.21 -0.18 -2.60
N TYR A 93 -1.72 0.65 -1.67
CA TYR A 93 -2.56 1.40 -0.75
C TYR A 93 -2.42 2.90 -1.01
N SER A 94 -1.80 3.28 -2.13
CA SER A 94 -1.98 4.61 -2.70
C SER A 94 -3.48 4.94 -2.73
N MET B 2 12.57 14.97 -40.62
CA MET B 2 12.89 16.42 -40.50
C MET B 2 13.61 16.67 -39.18
N PRO B 3 14.79 17.34 -39.20
CA PRO B 3 15.44 17.77 -37.96
C PRO B 3 14.48 18.59 -37.09
N HIS B 4 14.60 18.42 -35.77
CA HIS B 4 13.80 19.18 -34.81
C HIS B 4 14.76 19.99 -33.94
N ALA B 5 14.21 20.86 -33.08
CA ALA B 5 15.07 21.66 -32.22
C ALA B 5 15.96 20.71 -31.41
N PHE B 6 15.33 19.71 -30.80
CA PHE B 6 16.05 18.63 -30.14
C PHE B 6 16.16 17.42 -31.07
N LYS B 7 17.34 16.82 -31.10
CA LYS B 7 17.57 15.66 -31.95
C LYS B 7 17.97 14.46 -31.09
N PRO B 8 17.75 13.22 -31.57
CA PRO B 8 18.14 12.04 -30.81
C PRO B 8 19.61 12.11 -30.43
N GLY B 9 19.89 11.76 -29.17
CA GLY B 9 21.22 11.80 -28.58
C GLY B 9 21.46 13.10 -27.81
N ASP B 10 20.57 14.08 -27.95
CA ASP B 10 20.76 15.34 -27.22
C ASP B 10 20.58 15.09 -25.71
N LEU B 11 21.43 15.72 -24.93
CA LEU B 11 21.41 15.44 -23.49
C LEU B 11 20.67 16.60 -22.83
N VAL B 12 19.89 16.29 -21.76
CA VAL B 12 19.05 17.33 -21.16
C VAL B 12 18.90 16.99 -19.67
N PHE B 13 18.40 17.96 -18.90
CA PHE B 13 17.65 17.60 -17.70
C PHE B 13 16.18 17.72 -18.10
N ALA B 14 15.38 16.70 -17.70
CA ALA B 14 13.97 16.66 -18.02
C ALA B 14 13.12 16.73 -16.74
N LYS B 15 12.07 17.57 -16.77
CA LYS B 15 11.30 17.86 -15.54
C LYS B 15 9.94 17.18 -15.59
N MET B 16 9.66 16.38 -14.56
CA MET B 16 8.37 15.75 -14.37
C MET B 16 7.83 16.21 -13.01
N LYS B 17 6.50 16.38 -12.93
CA LYS B 17 5.88 16.77 -11.68
C LYS B 17 6.28 15.77 -10.57
N GLY B 18 6.72 16.32 -9.44
CA GLY B 18 7.06 15.53 -8.28
C GLY B 18 8.54 15.12 -8.23
N TYR B 19 9.35 15.50 -9.24
CA TYR B 19 10.73 15.06 -9.28
C TYR B 19 11.62 16.26 -9.61
N PRO B 20 12.88 16.27 -9.16
CA PRO B 20 13.86 17.28 -9.56
C PRO B 20 14.18 17.11 -11.05
N HIS B 21 14.60 18.23 -11.66
CA HIS B 21 15.12 18.19 -13.03
C HIS B 21 16.10 17.01 -13.16
N TRP B 22 15.86 16.14 -14.14
CA TRP B 22 16.46 14.81 -14.05
C TRP B 22 17.38 14.56 -15.25
N PRO B 23 18.63 14.06 -15.08
CA PRO B 23 19.50 13.81 -16.26
C PRO B 23 18.83 12.83 -17.23
N ALA B 24 18.83 13.14 -18.53
CA ALA B 24 18.03 12.38 -19.50
C ALA B 24 18.60 12.63 -20.91
N ARG B 25 18.11 11.84 -21.85
CA ARG B 25 18.45 12.03 -23.25
C ARG B 25 17.17 11.97 -24.08
N ILE B 26 17.27 12.61 -25.27
CA ILE B 26 16.28 12.41 -26.33
C ILE B 26 16.63 11.08 -27.02
N ASP B 27 15.63 10.23 -27.15
CA ASP B 27 15.79 8.96 -27.86
C ASP B 27 15.19 9.08 -29.28
N ASP B 28 15.48 8.09 -30.12
N ASP B 28 15.47 8.09 -30.13
CA ASP B 28 14.93 7.95 -31.46
CA ASP B 28 14.90 8.01 -31.47
C ASP B 28 13.58 7.23 -31.33
C ASP B 28 13.63 7.18 -31.39
N ILE B 29 12.69 7.42 -32.32
CA ILE B 29 11.35 6.84 -32.27
C ILE B 29 11.35 5.39 -32.76
N VAL B 34 4.85 3.03 -31.13
CA VAL B 34 4.13 4.21 -30.57
C VAL B 34 4.99 5.45 -30.84
N LYS B 35 4.43 6.41 -31.59
CA LYS B 35 5.12 7.67 -31.87
C LYS B 35 4.77 8.68 -30.78
N PRO B 36 5.68 9.59 -30.38
CA PRO B 36 5.35 10.63 -29.39
C PRO B 36 4.15 11.44 -29.88
N PRO B 37 3.28 11.94 -28.98
CA PRO B 37 2.25 12.89 -29.41
C PRO B 37 2.95 14.08 -30.07
N PRO B 38 2.21 14.94 -30.81
CA PRO B 38 2.81 16.13 -31.42
C PRO B 38 3.45 17.06 -30.39
N ASN B 39 4.55 17.70 -30.77
CA ASN B 39 5.31 18.64 -29.95
C ASN B 39 6.13 17.95 -28.87
N LYS B 40 6.05 16.62 -28.74
CA LYS B 40 6.71 15.90 -27.63
C LYS B 40 7.82 14.99 -28.15
N TYR B 41 8.81 14.71 -27.29
CA TYR B 41 9.91 13.85 -27.66
C TYR B 41 9.95 12.61 -26.77
N PRO B 42 10.51 11.47 -27.25
CA PRO B 42 10.75 10.33 -26.37
C PRO B 42 11.96 10.68 -25.50
N ILE B 43 11.75 10.61 -24.18
CA ILE B 43 12.80 10.86 -23.21
C ILE B 43 13.22 9.54 -22.55
N PHE B 44 14.52 9.40 -22.35
CA PHE B 44 15.10 8.33 -21.56
C PHE B 44 15.75 8.96 -20.33
N PHE B 45 15.27 8.54 -19.14
CA PHE B 45 15.84 9.04 -17.90
C PHE B 45 17.00 8.17 -17.46
N PHE B 46 18.16 8.81 -17.31
CA PHE B 46 19.30 8.10 -16.80
C PHE B 46 19.04 7.65 -15.36
N GLY B 47 19.76 6.60 -14.97
CA GLY B 47 19.71 6.14 -13.58
C GLY B 47 18.52 5.19 -13.41
N THR B 48 17.30 5.70 -13.61
CA THR B 48 16.09 4.92 -13.45
C THR B 48 15.83 4.08 -14.70
N HIS B 49 16.24 4.61 -15.86
CA HIS B 49 16.06 3.97 -17.16
C HIS B 49 14.60 3.98 -17.57
N GLU B 50 13.79 4.87 -17.00
CA GLU B 50 12.41 5.05 -17.42
C GLU B 50 12.34 5.85 -18.73
N THR B 51 11.19 5.77 -19.41
CA THR B 51 10.92 6.56 -20.61
C THR B 51 9.57 7.27 -20.45
N ALA B 52 9.47 8.47 -21.03
CA ALA B 52 8.23 9.21 -21.05
C ALA B 52 8.25 10.11 -22.26
N PHE B 53 7.10 10.75 -22.54
CA PHE B 53 6.98 11.74 -23.60
C PHE B 53 6.89 13.11 -22.94
N LEU B 54 7.82 14.01 -23.30
CA LEU B 54 7.83 15.34 -22.71
C LEU B 54 8.00 16.38 -23.81
N GLY B 55 7.50 17.59 -23.53
CA GLY B 55 7.61 18.67 -24.49
C GLY B 55 8.72 19.62 -24.06
N PRO B 56 9.16 20.55 -24.96
CA PRO B 56 10.29 21.42 -24.69
C PRO B 56 10.24 22.25 -23.41
N LYS B 57 9.05 22.59 -22.90
CA LYS B 57 8.99 23.43 -21.71
C LYS B 57 9.66 22.70 -20.55
N ASP B 58 9.74 21.36 -20.65
CA ASP B 58 10.27 20.55 -19.57
C ASP B 58 11.64 19.98 -19.91
N LEU B 59 12.27 20.50 -20.98
CA LEU B 59 13.57 19.96 -21.41
C LEU B 59 14.61 21.09 -21.40
N PHE B 60 15.66 20.85 -20.64
CA PHE B 60 16.68 21.84 -20.36
C PHE B 60 18.01 21.32 -20.91
N PRO B 61 18.52 21.91 -22.01
CA PRO B 61 19.82 21.47 -22.56
C PRO B 61 20.87 21.29 -21.47
N TYR B 62 21.57 20.13 -21.48
CA TYR B 62 22.40 19.72 -20.36
C TYR B 62 23.60 20.62 -20.10
N ASP B 63 24.27 21.02 -21.19
CA ASP B 63 25.45 21.87 -21.10
C ASP B 63 25.14 23.18 -20.37
N LYS B 64 24.08 23.86 -20.80
CA LYS B 64 23.69 25.14 -20.23
C LYS B 64 23.29 24.99 -18.75
N SER B 65 22.71 23.84 -18.38
CA SER B 65 21.96 23.78 -17.13
C SER B 65 22.63 22.89 -16.07
N LYS B 66 23.74 22.24 -16.39
CA LYS B 66 24.34 21.25 -15.51
C LYS B 66 24.79 21.85 -14.20
N ASP B 67 25.22 23.11 -14.16
CA ASP B 67 25.68 23.55 -12.84
C ASP B 67 24.50 23.90 -11.93
N LYS B 68 23.34 24.21 -12.52
CA LYS B 68 22.15 24.45 -11.73
C LYS B 68 21.54 23.11 -11.28
N TYR B 69 21.38 22.16 -12.21
CA TYR B 69 20.56 20.99 -11.90
C TYR B 69 21.38 19.74 -11.60
N GLY B 70 22.68 19.78 -11.86
CA GLY B 70 23.47 18.55 -11.79
C GLY B 70 24.07 18.24 -10.42
N LYS B 71 23.40 18.60 -9.32
CA LYS B 71 23.89 18.32 -7.99
C LYS B 71 23.27 17.02 -7.48
N PRO B 72 24.06 16.17 -6.78
CA PRO B 72 23.53 14.93 -6.19
C PRO B 72 22.36 15.20 -5.24
N ASN B 73 21.44 14.23 -5.12
CA ASN B 73 20.37 14.34 -4.16
C ASN B 73 20.04 12.92 -3.66
N LYS B 74 19.01 12.82 -2.81
CA LYS B 74 18.67 11.53 -2.23
C LYS B 74 17.50 10.84 -2.95
N ARG B 75 17.20 11.23 -4.20
CA ARG B 75 16.18 10.52 -4.95
C ARG B 75 16.82 9.27 -5.58
N LYS B 76 16.10 8.12 -5.51
CA LYS B 76 16.59 6.86 -6.04
C LYS B 76 16.83 6.96 -7.57
N GLY B 77 18.06 6.64 -7.97
CA GLY B 77 18.42 6.61 -9.40
C GLY B 77 19.12 7.91 -9.82
N PHE B 78 19.02 8.97 -8.99
CA PHE B 78 19.56 10.27 -9.41
C PHE B 78 21.09 10.28 -9.56
N ASN B 79 21.83 9.88 -8.52
CA ASN B 79 23.28 9.87 -8.61
C ASN B 79 23.78 8.94 -9.70
N GLU B 80 23.12 7.80 -9.87
CA GLU B 80 23.49 6.87 -10.93
C GLU B 80 23.25 7.55 -12.28
N GLY B 81 22.16 8.32 -12.37
CA GLY B 81 21.80 9.03 -13.60
C GLY B 81 22.86 10.09 -13.92
N LEU B 82 23.37 10.76 -12.87
CA LEU B 82 24.47 11.70 -13.06
C LEU B 82 25.72 11.01 -13.61
N TRP B 83 26.02 9.83 -13.06
CA TRP B 83 27.16 9.08 -13.58
C TRP B 83 26.97 8.73 -15.05
N GLU B 84 25.79 8.24 -15.41
CA GLU B 84 25.49 7.78 -16.75
C GLU B 84 25.61 8.93 -17.76
N ILE B 85 25.07 10.11 -17.40
CA ILE B 85 25.02 11.19 -18.42
C ILE B 85 26.42 11.75 -18.66
N GLN B 86 27.29 11.65 -17.64
CA GLN B 86 28.66 12.16 -17.68
C GLN B 86 29.58 11.13 -18.37
N ASN B 87 29.31 9.84 -18.17
CA ASN B 87 30.35 8.84 -18.47
C ASN B 87 30.03 7.99 -19.70
N ASN B 88 28.75 7.78 -19.97
CA ASN B 88 28.33 6.91 -21.06
C ASN B 88 26.91 7.24 -21.45
N PRO B 89 26.65 8.50 -21.87
CA PRO B 89 25.29 8.97 -22.17
C PRO B 89 24.59 8.30 -23.36
N HIS B 90 25.38 7.69 -24.28
CA HIS B 90 24.78 7.14 -25.50
C HIS B 90 24.81 5.60 -25.51
N ALA B 91 25.00 5.00 -24.34
CA ALA B 91 24.99 3.54 -24.24
C ALA B 91 23.59 2.95 -24.32
N SER B 92 23.54 1.63 -24.57
CA SER B 92 22.34 0.83 -24.40
C SER B 92 22.22 0.46 -22.92
N TYR B 93 21.07 0.82 -22.32
CA TYR B 93 20.71 0.55 -20.93
C TYR B 93 19.51 -0.41 -20.90
N SER B 94 19.19 -0.95 -22.08
CA SER B 94 18.22 -2.00 -22.31
C SER B 94 18.46 -3.22 -21.38
N HIS C 4 -30.54 -21.82 1.44
CA HIS C 4 -29.63 -21.74 2.63
C HIS C 4 -30.45 -21.91 3.90
N ALA C 5 -29.74 -22.14 5.02
CA ALA C 5 -30.30 -22.07 6.36
C ALA C 5 -29.18 -21.96 7.40
N PHE C 6 -29.54 -21.51 8.60
CA PHE C 6 -28.55 -21.04 9.54
C PHE C 6 -28.83 -21.60 10.94
N LYS C 7 -27.78 -22.14 11.57
CA LYS C 7 -27.90 -22.62 12.95
C LYS C 7 -27.09 -21.67 13.83
N PRO C 8 -27.34 -21.63 15.16
CA PRO C 8 -26.54 -20.79 16.06
C PRO C 8 -25.05 -21.06 15.88
N GLY C 9 -24.26 -19.98 15.78
CA GLY C 9 -22.82 -20.12 15.65
C GLY C 9 -22.33 -19.93 14.21
N ASP C 10 -23.21 -20.07 13.20
CA ASP C 10 -22.87 -19.89 11.79
C ASP C 10 -22.45 -18.45 11.49
N LEU C 11 -21.34 -18.29 10.76
CA LEU C 11 -20.73 -16.98 10.52
C LEU C 11 -21.32 -16.35 9.25
N VAL C 12 -21.70 -15.06 9.31
CA VAL C 12 -22.39 -14.43 8.19
C VAL C 12 -21.93 -12.95 8.06
N PHE C 13 -22.30 -12.34 6.93
CA PHE C 13 -22.49 -10.89 6.87
C PHE C 13 -23.99 -10.59 6.92
N ALA C 14 -24.35 -9.62 7.77
CA ALA C 14 -25.73 -9.29 8.10
C ALA C 14 -25.99 -7.84 7.71
N LYS C 15 -27.05 -7.65 6.92
CA LYS C 15 -27.33 -6.34 6.39
C LYS C 15 -28.55 -5.76 7.09
N MET C 16 -28.37 -4.60 7.73
CA MET C 16 -29.40 -3.81 8.38
C MET C 16 -29.48 -2.48 7.62
N LYS C 17 -30.70 -1.91 7.52
CA LYS C 17 -30.84 -0.61 6.88
C LYS C 17 -30.04 0.42 7.68
N GLY C 18 -29.23 1.20 6.96
CA GLY C 18 -28.46 2.24 7.62
C GLY C 18 -27.01 1.81 7.91
N TYR C 19 -26.63 0.58 7.57
CA TYR C 19 -25.31 0.03 7.89
C TYR C 19 -24.81 -0.81 6.73
N PRO C 20 -23.48 -0.91 6.53
CA PRO C 20 -22.93 -1.80 5.51
C PRO C 20 -23.11 -3.25 5.95
N HIS C 21 -22.91 -4.16 5.00
CA HIS C 21 -22.97 -5.57 5.31
C HIS C 21 -21.94 -5.85 6.40
N TRP C 22 -22.41 -6.43 7.52
CA TRP C 22 -21.64 -6.39 8.75
C TRP C 22 -21.22 -7.80 9.17
N PRO C 23 -19.96 -8.05 9.62
CA PRO C 23 -19.60 -9.37 10.11
C PRO C 23 -20.40 -9.75 11.36
N ALA C 24 -20.98 -10.95 11.34
CA ALA C 24 -21.90 -11.38 12.36
C ALA C 24 -21.98 -12.90 12.46
N ARG C 25 -22.64 -13.38 13.53
CA ARG C 25 -22.97 -14.79 13.61
C ARG C 25 -24.43 -14.92 14.03
N ILE C 26 -24.97 -16.10 13.76
CA ILE C 26 -26.26 -16.48 14.32
C ILE C 26 -26.14 -16.80 15.81
N ASP C 27 -27.04 -16.20 16.59
CA ASP C 27 -27.16 -16.50 18.01
C ASP C 27 -28.07 -17.70 18.22
N ASP C 28 -28.24 -18.09 19.49
CA ASP C 28 -29.17 -19.13 19.91
C ASP C 28 -30.40 -18.44 20.49
N ILE C 29 -31.58 -19.02 20.27
CA ILE C 29 -32.80 -18.48 20.84
C ILE C 29 -33.17 -19.32 22.07
N ALA C 30 -32.83 -18.82 23.26
CA ALA C 30 -32.99 -19.54 24.52
C ALA C 30 -34.45 -19.94 24.75
N LYS C 35 -39.34 -14.93 21.88
CA LYS C 35 -39.22 -15.65 20.59
C LYS C 35 -39.01 -14.62 19.48
N PRO C 36 -38.22 -14.95 18.43
CA PRO C 36 -38.01 -14.02 17.31
C PRO C 36 -39.34 -13.55 16.71
N PRO C 37 -39.39 -12.41 16.00
CA PRO C 37 -40.51 -12.17 15.09
C PRO C 37 -40.51 -13.36 14.13
N PRO C 38 -41.67 -13.69 13.52
CA PRO C 38 -41.78 -14.79 12.56
C PRO C 38 -40.71 -14.72 11.47
N ASN C 39 -39.99 -15.85 11.28
CA ASN C 39 -39.01 -16.02 10.24
C ASN C 39 -37.84 -15.05 10.45
N LYS C 40 -37.48 -14.77 11.69
CA LYS C 40 -36.28 -13.95 11.92
C LYS C 40 -35.25 -14.71 12.74
N TYR C 41 -33.97 -14.42 12.46
CA TYR C 41 -32.89 -15.04 13.19
C TYR C 41 -32.32 -14.05 14.21
N PRO C 42 -31.85 -14.54 15.37
CA PRO C 42 -31.13 -13.68 16.31
C PRO C 42 -29.70 -13.56 15.80
N ILE C 43 -29.22 -12.32 15.65
CA ILE C 43 -27.88 -12.07 15.11
C ILE C 43 -27.06 -11.41 16.20
N PHE C 44 -25.78 -11.82 16.30
CA PHE C 44 -24.84 -11.04 17.06
C PHE C 44 -23.85 -10.40 16.09
N PHE C 45 -23.62 -9.12 16.26
CA PHE C 45 -22.71 -8.39 15.39
C PHE C 45 -21.30 -8.35 16.00
N PHE C 46 -20.30 -8.77 15.21
CA PHE C 46 -18.92 -8.63 15.67
C PHE C 46 -18.53 -7.16 15.81
N GLY C 47 -17.58 -6.85 16.71
CA GLY C 47 -17.05 -5.51 16.84
C GLY C 47 -17.89 -4.65 17.77
N THR C 48 -19.15 -4.39 17.36
CA THR C 48 -20.09 -3.66 18.23
C THR C 48 -20.62 -4.56 19.34
N HIS C 49 -20.71 -5.88 19.09
CA HIS C 49 -21.26 -6.87 20.02
C HIS C 49 -22.75 -6.63 20.34
N GLU C 50 -23.45 -6.04 19.37
CA GLU C 50 -24.88 -5.79 19.48
C GLU C 50 -25.67 -6.98 18.94
N THR C 51 -26.99 -7.00 19.20
CA THR C 51 -27.86 -8.04 18.69
C THR C 51 -29.05 -7.41 17.98
N ALA C 52 -29.69 -8.21 17.13
CA ALA C 52 -30.87 -7.80 16.37
C ALA C 52 -31.51 -9.05 15.78
N PHE C 53 -32.75 -8.92 15.31
CA PHE C 53 -33.37 -10.01 14.55
C PHE C 53 -33.40 -9.62 13.07
N LEU C 54 -33.01 -10.56 12.22
CA LEU C 54 -33.00 -10.27 10.80
C LEU C 54 -33.52 -11.50 10.05
N GLY C 55 -34.08 -11.26 8.87
CA GLY C 55 -34.55 -12.32 7.98
C GLY C 55 -33.45 -12.85 7.08
N PRO C 56 -33.65 -14.06 6.52
CA PRO C 56 -32.59 -14.76 5.78
C PRO C 56 -32.13 -13.98 4.54
N LYS C 57 -32.99 -13.10 4.06
CA LYS C 57 -32.74 -12.26 2.90
C LYS C 57 -31.54 -11.36 3.21
N ASP C 58 -31.38 -11.04 4.49
CA ASP C 58 -30.42 -10.03 4.93
C ASP C 58 -29.11 -10.68 5.38
N LEU C 59 -28.94 -11.98 5.10
CA LEU C 59 -27.85 -12.75 5.67
C LEU C 59 -27.12 -13.48 4.56
N PHE C 60 -25.78 -13.52 4.67
CA PHE C 60 -24.88 -14.07 3.65
C PHE C 60 -23.81 -14.92 4.32
N PRO C 61 -23.61 -16.22 3.95
CA PRO C 61 -22.59 -17.04 4.61
C PRO C 61 -21.22 -16.36 4.49
N TYR C 62 -20.46 -16.38 5.61
CA TYR C 62 -19.18 -15.70 5.73
C TYR C 62 -18.20 -16.16 4.63
N ASP C 63 -18.02 -17.47 4.49
CA ASP C 63 -17.03 -17.99 3.56
C ASP C 63 -17.38 -17.63 2.12
N LYS C 64 -18.65 -17.80 1.75
CA LYS C 64 -19.10 -17.53 0.39
C LYS C 64 -18.97 -16.04 0.03
N SER C 65 -19.13 -15.12 1.00
CA SER C 65 -19.34 -13.73 0.58
C SER C 65 -18.24 -12.78 1.06
N LYS C 66 -17.26 -13.31 1.82
CA LYS C 66 -16.22 -12.47 2.39
C LYS C 66 -15.41 -11.75 1.32
N ASP C 67 -15.20 -12.38 0.15
CA ASP C 67 -14.46 -11.70 -0.92
C ASP C 67 -15.15 -10.38 -1.26
N LYS C 68 -16.48 -10.35 -1.16
CA LYS C 68 -17.25 -9.15 -1.48
C LYS C 68 -17.42 -8.17 -0.32
N TYR C 69 -17.74 -8.66 0.89
CA TYR C 69 -18.10 -7.74 1.96
C TYR C 69 -16.98 -7.62 3.01
N GLY C 70 -16.01 -8.54 3.00
CA GLY C 70 -14.98 -8.53 4.02
C GLY C 70 -13.85 -7.59 3.62
N LYS C 71 -14.14 -6.31 3.70
CA LYS C 71 -13.19 -5.28 3.34
C LYS C 71 -13.39 -4.15 4.34
N PRO C 72 -12.31 -3.48 4.78
CA PRO C 72 -12.45 -2.47 5.84
C PRO C 72 -13.39 -1.32 5.50
N ASN C 73 -13.96 -0.75 6.55
CA ASN C 73 -14.55 0.56 6.35
C ASN C 73 -14.52 1.25 7.70
N LYS C 74 -14.88 2.54 7.72
CA LYS C 74 -14.58 3.35 8.90
C LYS C 74 -15.73 3.37 9.88
N ARG C 75 -16.79 2.58 9.64
CA ARG C 75 -17.91 2.63 10.57
C ARG C 75 -17.50 2.06 11.93
N LYS C 76 -18.08 2.64 12.98
CA LYS C 76 -17.70 2.30 14.36
C LYS C 76 -17.78 0.81 14.60
N GLY C 77 -16.63 0.23 14.96
CA GLY C 77 -16.62 -1.16 15.39
C GLY C 77 -16.39 -2.12 14.23
N PHE C 78 -16.38 -1.63 13.00
CA PHE C 78 -16.46 -2.53 11.86
C PHE C 78 -15.14 -3.33 11.77
N ASN C 79 -14.01 -2.63 11.84
CA ASN C 79 -12.74 -3.30 11.55
C ASN C 79 -12.39 -4.30 12.65
N GLU C 80 -12.71 -3.94 13.88
CA GLU C 80 -12.60 -4.88 14.98
C GLU C 80 -13.49 -6.09 14.73
N GLY C 81 -14.69 -5.86 14.17
CA GLY C 81 -15.56 -7.00 13.86
C GLY C 81 -14.95 -7.93 12.82
N LEU C 82 -14.26 -7.32 11.84
CA LEU C 82 -13.59 -8.14 10.83
C LEU C 82 -12.49 -8.96 11.49
N TRP C 83 -11.81 -8.38 12.48
CA TRP C 83 -10.76 -9.17 13.11
C TRP C 83 -11.37 -10.33 13.90
N GLU C 84 -12.50 -10.07 14.57
CA GLU C 84 -13.14 -11.12 15.37
C GLU C 84 -13.67 -12.27 14.52
N ILE C 85 -14.33 -11.95 13.39
CA ILE C 85 -14.92 -13.00 12.58
C ILE C 85 -13.87 -13.94 11.98
N GLN C 86 -12.69 -13.40 11.62
CA GLN C 86 -11.60 -14.20 11.08
C GLN C 86 -10.79 -14.92 12.16
N ASN C 87 -10.60 -14.29 13.32
CA ASN C 87 -9.59 -14.74 14.28
C ASN C 87 -10.16 -15.29 15.59
N ASN C 88 -11.40 -14.94 15.97
CA ASN C 88 -11.92 -15.32 17.30
C ASN C 88 -13.44 -15.34 17.28
N PRO C 89 -14.05 -16.08 16.33
CA PRO C 89 -15.47 -15.94 16.02
C PRO C 89 -16.47 -16.52 17.03
N HIS C 90 -15.93 -17.20 18.06
CA HIS C 90 -16.79 -17.88 19.01
C HIS C 90 -16.41 -17.54 20.45
N ALA C 91 -15.61 -16.49 20.64
CA ALA C 91 -15.46 -15.91 21.96
C ALA C 91 -16.81 -15.38 22.42
N SER C 92 -16.91 -15.00 23.70
CA SER C 92 -18.19 -14.69 24.36
C SER C 92 -18.59 -13.23 24.16
N TYR C 93 -17.61 -12.33 24.25
CA TYR C 93 -17.80 -10.89 24.15
C TYR C 93 -18.96 -10.45 25.05
S SO4 D . -5.48 7.99 18.36
O1 SO4 D . -5.78 9.10 17.48
O2 SO4 D . -4.45 7.16 17.76
O3 SO4 D . -5.02 8.49 19.63
O4 SO4 D . -6.66 7.19 18.55
S SO4 E . 6.30 3.05 24.71
O1 SO4 E . 7.18 3.88 23.93
O2 SO4 E . 7.00 1.87 25.12
O3 SO4 E . 5.85 3.79 25.87
O4 SO4 E . 5.16 2.67 23.91
C1 EDO F . 1.51 1.83 -0.53
O1 EDO F . 1.12 1.04 -1.67
C2 EDO F . 2.92 2.35 -0.56
O2 EDO F . 3.84 1.32 -0.25
S SO4 G . -9.41 1.10 12.54
O1 SO4 G . -9.02 1.08 11.17
O2 SO4 G . -9.54 2.48 12.99
O3 SO4 G . -10.69 0.42 12.67
O4 SO4 G . -8.42 0.45 13.36
S SO4 H . 21.42 5.97 -6.80
O1 SO4 H . 21.32 6.56 -8.11
O2 SO4 H . 22.18 6.83 -5.93
O3 SO4 H . 20.13 5.78 -6.17
O4 SO4 H . 22.10 4.70 -6.99
S SO4 I . 7.40 19.75 -8.16
O1 SO4 I . 6.60 19.21 -9.21
O2 SO4 I . 7.01 21.11 -7.91
O3 SO4 I . 7.19 18.95 -6.97
O4 SO4 I . 8.80 19.73 -8.50
N1 A1A3P J . 10.56 9.36 -13.17
C4 A1A3P J . 7.02 7.69 -16.94
C5 A1A3P J . 6.46 8.23 -15.78
C6 A1A3P J . 8.61 8.68 -14.55
C7 A1A3P J . 9.11 9.40 -13.30
C8 A1A3P J . 11.25 10.29 -14.08
C10 A1A3P J . 12.48 10.04 -12.02
C13 A1A3P J . 4.27 7.96 -16.74
O1 A1A3P J . 9.41 8.26 -15.40
C11 A1A3P J . 11.03 9.74 -11.82
C9 A1A3P J . 12.37 10.90 -13.28
N A1A3P J . 7.25 8.59 -14.65
C3 A1A3P J . 6.20 7.27 -17.97
C12 A1A3P J . 5.08 8.38 -15.70
C2 A1A3P J . 4.82 7.39 -17.89
C1 A1A3P J . 3.93 6.86 -18.96
O A1A3P J . 2.75 6.71 -18.76
C A1A3P J . 4.52 6.51 -20.30
C1 EDO K . -23.84 -2.18 13.30
O1 EDO K . -23.50 -1.00 14.00
C2 EDO K . -23.58 -3.45 14.02
O2 EDO K . -24.04 -3.50 15.37
S SO4 L . -29.64 0.67 1.82
O1 SO4 L . -29.36 0.24 0.47
O2 SO4 L . -28.40 0.93 2.50
O3 SO4 L . -30.43 1.86 1.80
O4 SO4 L . -30.36 -0.37 2.52
#